data_5MN8
#
_entry.id   5MN8
#
_cell.length_a   69.781
_cell.length_b   69.781
_cell.length_c   295.465
_cell.angle_alpha   90.00
_cell.angle_beta   90.00
_cell.angle_gamma   120.00
#
_symmetry.space_group_name_H-M   'P 31 2 1'
#
loop_
_entity.id
_entity.type
_entity.pdbx_description
1 polymer 'Cell division protein FtsZ'
2 non-polymer "GUANOSINE-5'-TRIPHOSPHATE"
#
_entity_poly.entity_id   1
_entity_poly.type   'polypeptide(L)'
_entity_poly.pdbx_seq_one_letter_code
;ATLKVIGVGGGGNNAVNRMIDHGMNNVEFIAINTDGQALNLSKAESKIQIGEKLTRGLGAGANPEIGKKAAEESREQIED
AIQGADMVFVTSGMGGGTGTGAAPVVAKIAKEMGALTVGVVTRPFSAEGRKRQTQAAAGVEAMKAAVDTLIVIPNDRLLD
IVDKSTPMMEAFKEADNVLRQGVQGISDLIAVSGEVNLDFADVKTIMSNQGSALMGIGVSSGENRAVEAAKKAISSPLLE
TSIVGAQGVLMNITGGESLSLFEAQEAADIVQDAADEDVNMIFGTVINPELQDEIVVTVIATGFD
;
_entity_poly.pdbx_strand_id   B,A
#
loop_
_chem_comp.id
_chem_comp.type
_chem_comp.name
_chem_comp.formula
GTP non-polymer GUANOSINE-5'-TRIPHOSPHATE 'C10 H16 N5 O14 P3'
#
# COMPACT_ATOMS: atom_id res chain seq x y z
N THR A 2 13.87 -30.02 6.93
CA THR A 2 14.68 -29.70 5.76
C THR A 2 14.02 -28.60 4.94
N LEU A 3 14.78 -27.52 4.69
CA LEU A 3 14.29 -26.36 3.98
C LEU A 3 15.01 -26.24 2.65
N LYS A 4 14.30 -25.72 1.64
CA LYS A 4 14.88 -25.51 0.32
C LYS A 4 14.54 -24.12 -0.19
N VAL A 5 15.51 -23.50 -0.86
CA VAL A 5 15.39 -22.14 -1.38
C VAL A 5 15.40 -22.21 -2.90
N ILE A 6 14.55 -21.40 -3.53
CA ILE A 6 14.42 -21.36 -4.99
C ILE A 6 14.57 -19.93 -5.46
N GLY A 7 15.50 -19.70 -6.38
CA GLY A 7 15.73 -18.37 -6.93
C GLY A 7 15.23 -18.23 -8.36
N VAL A 8 14.06 -17.65 -8.53
CA VAL A 8 13.44 -17.50 -9.85
C VAL A 8 13.90 -16.18 -10.46
N GLY A 9 14.34 -16.24 -11.72
CA GLY A 9 14.75 -15.05 -12.44
C GLY A 9 16.21 -14.71 -12.22
N GLY A 10 16.72 -13.83 -13.10
CA GLY A 10 18.09 -13.35 -12.93
C GLY A 10 18.27 -12.51 -11.68
N GLY A 11 17.20 -11.88 -11.21
CA GLY A 11 17.23 -11.15 -9.95
C GLY A 11 17.44 -12.07 -8.76
N GLY A 12 16.41 -12.87 -8.45
CA GLY A 12 16.52 -13.85 -7.38
C GLY A 12 17.79 -14.68 -7.41
N ASN A 13 18.33 -14.93 -8.61
CA ASN A 13 19.56 -15.71 -8.71
C ASN A 13 20.75 -14.95 -8.14
N ASN A 14 20.84 -13.65 -8.42
CA ASN A 14 21.87 -12.83 -7.80
C ASN A 14 21.78 -12.85 -6.29
N ALA A 15 20.58 -12.95 -5.74
CA ALA A 15 20.42 -13.09 -4.29
C ALA A 15 20.95 -14.43 -3.81
N VAL A 16 20.53 -15.53 -4.45
CA VAL A 16 21.01 -16.85 -4.07
C VAL A 16 22.52 -16.95 -4.23
N ASN A 17 23.09 -16.22 -5.18
CA ASN A 17 24.54 -16.16 -5.31
C ASN A 17 25.17 -15.55 -4.06
N ARG A 18 24.74 -14.35 -3.69
CA ARG A 18 25.24 -13.69 -2.50
C ARG A 18 24.82 -14.40 -1.22
N MET A 19 23.78 -15.23 -1.27
CA MET A 19 23.31 -15.90 -0.06
C MET A 19 24.31 -16.94 0.43
N ILE A 20 24.97 -17.64 -0.49
CA ILE A 20 26.02 -18.58 -0.11
C ILE A 20 27.38 -17.91 0.01
N ASP A 21 27.55 -16.72 -0.58
CA ASP A 21 28.76 -15.94 -0.35
C ASP A 21 28.90 -15.57 1.12
N HIS A 22 27.78 -15.35 1.81
CA HIS A 22 27.78 -15.14 3.25
C HIS A 22 27.87 -16.43 4.04
N GLY A 23 27.69 -17.58 3.40
CA GLY A 23 27.72 -18.85 4.09
C GLY A 23 26.45 -19.12 4.88
N MET A 24 25.61 -20.00 4.36
CA MET A 24 24.36 -20.37 5.00
C MET A 24 24.28 -21.88 5.12
N ASN A 25 23.81 -22.37 6.27
CA ASN A 25 23.86 -23.78 6.60
C ASN A 25 22.47 -24.41 6.57
N ASN A 26 22.43 -25.69 6.20
CA ASN A 26 21.26 -26.54 6.34
C ASN A 26 20.08 -26.06 5.48
N VAL A 27 20.39 -25.44 4.34
CA VAL A 27 19.38 -25.09 3.35
C VAL A 27 19.89 -25.51 1.98
N GLU A 28 19.14 -26.36 1.31
CA GLU A 28 19.49 -26.77 -0.05
C GLU A 28 19.06 -25.70 -1.03
N PHE A 29 19.83 -25.55 -2.11
CA PHE A 29 19.70 -24.41 -3.01
C PHE A 29 19.21 -24.85 -4.37
N ILE A 30 18.38 -24.00 -4.98
CA ILE A 30 17.80 -24.22 -6.30
C ILE A 30 17.79 -22.90 -7.06
N ALA A 31 18.39 -22.89 -8.24
CA ALA A 31 18.34 -21.75 -9.14
C ALA A 31 17.47 -22.07 -10.35
N ILE A 32 16.69 -21.09 -10.81
CA ILE A 32 15.85 -21.24 -11.99
C ILE A 32 16.00 -19.99 -12.84
N ASN A 33 16.11 -20.19 -14.16
CA ASN A 33 16.25 -19.09 -15.09
C ASN A 33 15.78 -19.53 -16.46
N THR A 34 15.48 -18.54 -17.31
CA THR A 34 15.26 -18.78 -18.73
C THR A 34 16.50 -18.46 -19.57
N ASP A 35 17.30 -17.49 -19.12
CA ASP A 35 18.60 -17.24 -19.76
C ASP A 35 19.54 -18.40 -19.46
N GLY A 36 20.23 -18.87 -20.49
CA GLY A 36 21.11 -20.02 -20.35
C GLY A 36 22.49 -19.67 -19.82
N GLN A 37 22.98 -18.48 -20.19
CA GLN A 37 24.30 -18.05 -19.75
C GLN A 37 24.28 -17.33 -18.40
N ALA A 38 23.10 -17.01 -17.88
CA ALA A 38 22.97 -16.46 -16.54
C ALA A 38 22.89 -17.57 -15.50
N LEU A 39 22.21 -18.67 -15.81
CA LEU A 39 22.23 -19.84 -14.95
C LEU A 39 23.58 -20.55 -15.02
N ASN A 40 24.38 -20.25 -16.03
CA ASN A 40 25.75 -20.77 -16.09
C ASN A 40 26.57 -20.35 -14.86
N LEU A 41 26.24 -19.21 -14.27
CA LEU A 41 27.07 -18.59 -13.25
C LEU A 41 26.61 -18.89 -11.83
N SER A 42 25.47 -19.56 -11.65
CA SER A 42 24.95 -19.80 -10.31
C SER A 42 25.79 -20.84 -9.58
N LYS A 43 25.99 -20.63 -8.29
CA LYS A 43 26.70 -21.56 -7.43
C LYS A 43 25.78 -22.55 -6.73
N ALA A 44 24.50 -22.56 -7.11
CA ALA A 44 23.52 -23.40 -6.42
C ALA A 44 23.83 -24.87 -6.61
N GLU A 45 23.59 -25.65 -5.54
CA GLU A 45 23.75 -27.10 -5.61
C GLU A 45 22.98 -27.70 -6.79
N SER A 46 21.71 -27.31 -6.93
CA SER A 46 20.83 -27.84 -7.96
C SER A 46 20.40 -26.71 -8.89
N LYS A 47 20.62 -26.89 -10.19
CA LYS A 47 20.20 -25.93 -11.21
C LYS A 47 19.08 -26.51 -12.05
N ILE A 48 18.23 -25.62 -12.56
CA ILE A 48 17.15 -25.99 -13.47
C ILE A 48 16.94 -24.86 -14.47
N GLN A 49 16.87 -25.19 -15.75
CA GLN A 49 16.44 -24.25 -16.77
C GLN A 49 15.03 -24.58 -17.22
N ILE A 50 14.22 -23.55 -17.42
CA ILE A 50 12.85 -23.72 -17.89
C ILE A 50 12.74 -23.10 -19.28
N GLY A 51 11.75 -23.57 -20.03
CA GLY A 51 11.45 -23.03 -21.33
C GLY A 51 12.58 -23.12 -22.34
N GLU A 52 13.21 -24.29 -22.45
CA GLU A 52 14.19 -24.49 -23.52
C GLU A 52 13.51 -24.56 -24.88
N LYS A 53 12.20 -24.83 -24.90
CA LYS A 53 11.43 -24.78 -26.14
C LYS A 53 10.98 -23.36 -26.47
N LEU A 54 10.66 -22.57 -25.45
CA LEU A 54 9.99 -21.28 -25.66
C LEU A 54 10.97 -20.11 -25.74
N THR A 55 12.00 -20.10 -24.89
CA THR A 55 13.05 -19.10 -24.98
C THR A 55 14.29 -19.61 -25.71
N ARG A 56 14.58 -20.90 -25.62
CA ARG A 56 15.67 -21.56 -26.35
C ARG A 56 17.04 -21.02 -25.99
N GLY A 57 17.15 -20.27 -24.89
CA GLY A 57 18.45 -19.78 -24.47
C GLY A 57 18.45 -18.32 -24.06
N LEU A 58 17.59 -17.52 -24.70
CA LEU A 58 17.50 -16.10 -24.40
C LEU A 58 16.70 -15.88 -23.12
N GLY A 59 16.90 -14.71 -22.53
CA GLY A 59 16.03 -14.29 -21.45
C GLY A 59 14.61 -14.06 -21.93
N ALA A 60 13.66 -14.28 -21.02
CA ALA A 60 12.24 -14.28 -21.38
C ALA A 60 11.72 -12.91 -21.82
N GLY A 61 12.61 -11.98 -22.12
CA GLY A 61 12.27 -10.70 -22.72
C GLY A 61 11.20 -9.89 -22.02
N ALA A 62 11.38 -9.65 -20.72
CA ALA A 62 10.50 -8.82 -19.89
C ALA A 62 9.03 -9.00 -20.21
N ASN A 63 8.57 -10.23 -20.37
CA ASN A 63 7.16 -10.53 -20.63
C ASN A 63 6.70 -11.57 -19.62
N PRO A 64 5.65 -11.30 -18.85
CA PRO A 64 5.25 -12.26 -17.80
C PRO A 64 4.78 -13.60 -18.35
N GLU A 65 3.92 -13.58 -19.38
CA GLU A 65 3.36 -14.82 -19.90
C GLU A 65 4.42 -15.75 -20.47
N ILE A 66 5.52 -15.19 -20.98
CA ILE A 66 6.63 -16.03 -21.44
C ILE A 66 7.18 -16.85 -20.29
N GLY A 67 7.25 -16.26 -19.09
CA GLY A 67 7.66 -17.03 -17.93
C GLY A 67 6.58 -18.01 -17.46
N LYS A 68 5.35 -17.52 -17.36
CA LYS A 68 4.24 -18.33 -16.85
C LYS A 68 4.15 -19.68 -17.58
N LYS A 69 4.14 -19.65 -18.91
CA LYS A 69 4.02 -20.88 -19.67
C LYS A 69 5.33 -21.65 -19.79
N ALA A 70 6.48 -20.98 -19.65
CA ALA A 70 7.75 -21.69 -19.68
C ALA A 70 7.92 -22.57 -18.46
N ALA A 71 7.34 -22.16 -17.32
CA ALA A 71 7.38 -23.01 -16.13
C ALA A 71 6.41 -24.18 -16.24
N GLU A 72 5.23 -23.93 -16.82
CA GLU A 72 4.30 -25.01 -17.11
C GLU A 72 4.95 -26.08 -17.99
N GLU A 73 5.76 -25.65 -18.95
CA GLU A 73 6.45 -26.60 -19.82
C GLU A 73 7.41 -27.48 -19.03
N SER A 74 8.11 -26.90 -18.06
CA SER A 74 9.12 -27.61 -17.28
C SER A 74 8.58 -28.08 -15.92
N ARG A 75 7.26 -28.25 -15.81
CA ARG A 75 6.62 -28.71 -14.58
C ARG A 75 7.33 -29.92 -13.97
N GLU A 76 8.00 -30.72 -14.79
CA GLU A 76 8.66 -31.93 -14.29
C GLU A 76 9.81 -31.59 -13.35
N GLN A 77 10.84 -30.91 -13.86
CA GLN A 77 12.04 -30.67 -13.05
C GLN A 77 11.75 -29.80 -11.83
N ILE A 78 10.67 -29.01 -11.85
CA ILE A 78 10.29 -28.27 -10.66
C ILE A 78 9.75 -29.21 -9.59
N GLU A 79 8.84 -30.11 -9.99
CA GLU A 79 8.39 -31.16 -9.09
C GLU A 79 9.55 -32.02 -8.60
N ASP A 80 10.58 -32.20 -9.43
CA ASP A 80 11.76 -32.97 -9.03
C ASP A 80 12.40 -32.39 -7.78
N ALA A 81 12.84 -31.14 -7.85
CA ALA A 81 13.64 -30.56 -6.78
C ALA A 81 12.84 -30.28 -5.51
N ILE A 82 11.51 -30.26 -5.59
CA ILE A 82 10.70 -29.88 -4.43
C ILE A 82 10.57 -31.04 -3.45
N GLN A 83 9.97 -32.16 -3.89
CA GLN A 83 9.62 -33.25 -2.98
C GLN A 83 10.80 -33.69 -2.15
N GLY A 84 10.54 -33.94 -0.87
CA GLY A 84 11.57 -34.15 0.12
C GLY A 84 11.84 -32.96 1.00
N ALA A 85 11.14 -31.85 0.79
CA ALA A 85 11.32 -30.63 1.56
C ALA A 85 10.06 -30.33 2.37
N ASP A 86 10.25 -29.82 3.58
CA ASP A 86 9.15 -29.41 4.43
C ASP A 86 8.78 -27.95 4.28
N MET A 87 9.70 -27.11 3.82
CA MET A 87 9.48 -25.68 3.66
C MET A 87 10.19 -25.21 2.40
N VAL A 88 9.57 -24.27 1.70
CA VAL A 88 10.04 -23.80 0.40
C VAL A 88 10.08 -22.28 0.40
N PHE A 89 11.22 -21.72 0.02
CA PHE A 89 11.41 -20.28 -0.09
C PHE A 89 11.49 -19.90 -1.56
N VAL A 90 10.66 -18.95 -1.98
CA VAL A 90 10.64 -18.48 -3.37
C VAL A 90 11.15 -17.04 -3.43
N THR A 91 12.47 -16.88 -3.49
CA THR A 91 13.08 -15.55 -3.55
C THR A 91 13.27 -15.16 -5.01
N SER A 92 12.55 -14.12 -5.44
CA SER A 92 12.51 -13.73 -6.85
C SER A 92 12.21 -12.26 -6.97
N GLY A 93 13.01 -11.57 -7.79
CA GLY A 93 12.81 -10.15 -8.03
C GLY A 93 11.71 -9.85 -9.03
N MET A 94 10.61 -9.27 -8.57
CA MET A 94 9.51 -8.93 -9.44
C MET A 94 9.92 -7.87 -10.47
N GLY A 95 9.35 -7.97 -11.66
CA GLY A 95 9.61 -7.00 -12.70
C GLY A 95 9.89 -7.61 -14.06
N GLY A 96 10.79 -8.59 -14.11
CA GLY A 96 11.20 -9.19 -15.36
C GLY A 96 10.23 -10.24 -15.86
N GLY A 97 10.52 -10.75 -17.05
CA GLY A 97 9.68 -11.79 -17.64
C GLY A 97 9.71 -13.08 -16.85
N THR A 98 10.91 -13.52 -16.45
CA THR A 98 11.06 -14.80 -15.76
C THR A 98 10.44 -14.75 -14.37
N GLY A 99 10.90 -13.80 -13.54
CA GLY A 99 10.45 -13.76 -12.15
C GLY A 99 8.96 -13.56 -12.01
N THR A 100 8.42 -12.55 -12.70
CA THR A 100 7.02 -12.19 -12.54
C THR A 100 6.05 -13.26 -13.03
N GLY A 101 6.52 -14.26 -13.76
CA GLY A 101 5.65 -15.29 -14.28
C GLY A 101 5.95 -16.68 -13.78
N ALA A 102 7.24 -17.02 -13.66
CA ALA A 102 7.62 -18.36 -13.23
C ALA A 102 7.48 -18.54 -11.72
N ALA A 103 7.88 -17.53 -10.94
CA ALA A 103 7.82 -17.64 -9.49
C ALA A 103 6.40 -17.90 -8.97
N PRO A 104 5.35 -17.23 -9.43
CA PRO A 104 4.00 -17.61 -8.99
C PRO A 104 3.66 -19.08 -9.24
N VAL A 105 4.30 -19.70 -10.24
CA VAL A 105 4.03 -21.10 -10.53
C VAL A 105 4.84 -22.00 -9.61
N VAL A 106 6.14 -21.75 -9.49
CA VAL A 106 6.98 -22.49 -8.55
C VAL A 106 6.35 -22.51 -7.15
N ALA A 107 5.70 -21.41 -6.78
CA ALA A 107 5.03 -21.34 -5.47
C ALA A 107 3.85 -22.29 -5.41
N LYS A 108 2.84 -22.07 -6.27
CA LYS A 108 1.60 -22.84 -6.20
C LYS A 108 1.82 -24.34 -6.32
N ILE A 109 2.92 -24.77 -6.95
CA ILE A 109 3.28 -26.19 -6.92
C ILE A 109 3.69 -26.59 -5.50
N ALA A 110 4.63 -25.84 -4.91
CA ALA A 110 5.08 -26.15 -3.55
C ALA A 110 3.94 -26.07 -2.54
N LYS A 111 2.94 -25.21 -2.78
CA LYS A 111 1.84 -25.07 -1.84
C LYS A 111 0.96 -26.32 -1.86
N GLU A 112 0.55 -26.76 -3.05
CA GLU A 112 -0.28 -27.96 -3.17
C GLU A 112 0.53 -29.24 -3.08
N MET A 113 1.85 -29.17 -2.95
CA MET A 113 2.68 -30.33 -2.66
C MET A 113 2.93 -30.50 -1.16
N GLY A 114 2.12 -29.87 -0.32
CA GLY A 114 2.21 -30.03 1.12
C GLY A 114 3.17 -29.09 1.81
N ALA A 115 4.30 -28.74 1.17
CA ALA A 115 5.34 -27.97 1.82
C ALA A 115 4.85 -26.57 2.18
N LEU A 116 5.60 -25.91 3.06
CA LEU A 116 5.33 -24.54 3.43
C LEU A 116 5.96 -23.60 2.40
N THR A 117 5.29 -22.47 2.18
CA THR A 117 5.58 -21.60 1.04
C THR A 117 5.77 -20.17 1.53
N VAL A 118 6.94 -19.59 1.22
CA VAL A 118 7.27 -18.23 1.62
C VAL A 118 7.81 -17.50 0.40
N GLY A 119 7.22 -16.35 0.09
CA GLY A 119 7.68 -15.51 -1.00
C GLY A 119 8.43 -14.30 -0.49
N VAL A 120 9.71 -14.21 -0.85
CA VAL A 120 10.57 -13.12 -0.42
C VAL A 120 10.99 -12.38 -1.68
N VAL A 121 10.24 -11.34 -2.03
CA VAL A 121 10.33 -10.71 -3.35
C VAL A 121 10.59 -9.22 -3.18
N THR A 122 11.40 -8.67 -4.09
CA THR A 122 11.65 -7.24 -4.16
C THR A 122 10.76 -6.60 -5.21
N ARG A 123 10.09 -5.51 -4.83
CA ARG A 123 9.49 -4.62 -5.81
C ARG A 123 10.58 -3.87 -6.57
N PRO A 124 10.29 -3.32 -7.73
CA PRO A 124 11.30 -2.59 -8.49
C PRO A 124 11.36 -1.12 -8.08
N PHE A 125 12.43 -0.46 -8.50
CA PHE A 125 12.59 0.96 -8.25
C PHE A 125 11.60 1.77 -9.08
N SER A 126 11.30 2.97 -8.59
CA SER A 126 10.53 3.92 -9.37
C SER A 126 11.31 4.46 -10.56
N ALA A 127 12.63 4.25 -10.59
CA ALA A 127 13.49 4.70 -11.69
C ALA A 127 13.60 3.66 -12.81
N GLU A 128 12.70 2.69 -12.86
CA GLU A 128 12.68 1.69 -13.91
C GLU A 128 11.38 1.76 -14.71
N GLY A 129 10.87 2.97 -14.92
CA GLY A 129 9.65 3.16 -15.70
C GLY A 129 8.39 2.75 -14.97
N ARG A 130 7.23 3.17 -15.49
CA ARG A 130 5.96 2.83 -14.85
C ARG A 130 5.45 1.47 -15.29
N LYS A 131 5.63 1.11 -16.57
CA LYS A 131 5.07 -0.14 -17.07
C LYS A 131 5.77 -1.35 -16.45
N ARG A 132 7.07 -1.23 -16.14
CA ARG A 132 7.77 -2.29 -15.42
C ARG A 132 7.19 -2.49 -14.02
N GLN A 133 6.72 -1.42 -13.39
CA GLN A 133 6.15 -1.51 -12.06
C GLN A 133 4.85 -2.30 -12.05
N THR A 134 3.89 -1.89 -12.90
CA THR A 134 2.56 -2.50 -12.88
C THR A 134 2.62 -4.00 -13.09
N GLN A 135 3.55 -4.47 -13.93
CA GLN A 135 3.82 -5.90 -14.06
C GLN A 135 4.18 -6.50 -12.70
N ALA A 136 5.32 -6.10 -12.15
CA ALA A 136 5.78 -6.51 -10.83
C ALA A 136 4.68 -6.44 -9.77
N ALA A 137 3.88 -5.38 -9.80
CA ALA A 137 2.83 -5.20 -8.79
C ALA A 137 1.71 -6.20 -9.00
N ALA A 138 1.21 -6.32 -10.23
CA ALA A 138 0.21 -7.33 -10.54
C ALA A 138 0.79 -8.73 -10.55
N GLY A 139 2.13 -8.88 -10.55
CA GLY A 139 2.73 -10.17 -10.32
C GLY A 139 2.77 -10.54 -8.85
N VAL A 140 2.88 -9.54 -7.98
CA VAL A 140 2.69 -9.78 -6.54
C VAL A 140 1.28 -10.28 -6.28
N GLU A 141 0.30 -9.76 -7.03
CA GLU A 141 -1.06 -10.27 -6.97
C GLU A 141 -1.10 -11.78 -7.16
N ALA A 142 -0.48 -12.26 -8.24
CA ALA A 142 -0.40 -13.70 -8.48
C ALA A 142 0.38 -14.40 -7.38
N MET A 143 1.48 -13.79 -6.94
CA MET A 143 2.24 -14.33 -5.81
C MET A 143 1.38 -14.39 -4.55
N LYS A 144 0.61 -13.33 -4.28
CA LYS A 144 -0.09 -13.19 -3.01
C LYS A 144 -0.99 -14.39 -2.72
N ALA A 145 -1.75 -14.84 -3.72
CA ALA A 145 -2.72 -15.91 -3.53
C ALA A 145 -2.13 -17.31 -3.67
N ALA A 146 -0.85 -17.42 -4.02
CA ALA A 146 -0.22 -18.73 -4.24
C ALA A 146 0.60 -19.20 -3.05
N VAL A 147 1.34 -18.31 -2.40
CA VAL A 147 2.21 -18.67 -1.29
C VAL A 147 1.38 -18.73 -0.01
N ASP A 148 2.05 -18.90 1.13
CA ASP A 148 1.40 -18.80 2.43
C ASP A 148 1.56 -17.39 3.01
N THR A 149 2.78 -16.85 2.96
CA THR A 149 3.06 -15.48 3.36
C THR A 149 4.01 -14.86 2.37
N LEU A 150 3.74 -13.61 2.00
CA LEU A 150 4.53 -12.89 0.99
C LEU A 150 5.17 -11.68 1.64
N ILE A 151 6.50 -11.60 1.57
CA ILE A 151 7.25 -10.53 2.22
C ILE A 151 7.66 -9.49 1.18
N VAL A 152 6.76 -8.55 0.90
CA VAL A 152 7.04 -7.49 -0.06
C VAL A 152 8.12 -6.58 0.51
N ILE A 153 9.21 -6.41 -0.24
CA ILE A 153 10.24 -5.43 0.10
C ILE A 153 10.35 -4.44 -1.06
N PRO A 154 9.64 -3.32 -1.01
CA PRO A 154 9.82 -2.29 -2.05
C PRO A 154 11.25 -1.78 -2.06
N ASN A 155 11.82 -1.69 -3.26
CA ASN A 155 13.20 -1.26 -3.38
C ASN A 155 13.37 0.24 -3.15
N ASP A 156 12.27 1.01 -3.20
CA ASP A 156 12.36 2.43 -2.92
C ASP A 156 12.64 2.70 -1.44
N ARG A 157 12.18 1.82 -0.55
CA ARG A 157 12.52 1.95 0.86
C ARG A 157 14.01 1.77 1.12
N LEU A 158 14.73 1.12 0.19
CA LEU A 158 16.16 0.90 0.35
C LEU A 158 16.98 2.16 0.10
N LEU A 159 16.41 3.17 -0.58
CA LEU A 159 17.15 4.39 -0.86
C LEU A 159 17.53 5.15 0.40
N ASP A 160 16.81 4.94 1.50
CA ASP A 160 17.19 5.58 2.75
C ASP A 160 18.39 4.89 3.40
N ILE A 161 18.46 3.57 3.30
CA ILE A 161 19.57 2.84 3.89
C ILE A 161 20.84 2.98 3.05
N VAL A 162 20.71 3.20 1.76
CA VAL A 162 21.86 3.26 0.86
C VAL A 162 22.22 4.73 0.60
N ASP A 163 23.41 4.93 0.03
CA ASP A 163 23.94 6.27 -0.19
C ASP A 163 23.24 6.96 -1.35
N LYS A 164 23.60 8.21 -1.57
CA LYS A 164 23.23 8.93 -2.79
C LYS A 164 24.19 8.63 -3.93
N SER A 165 25.38 8.11 -3.63
CA SER A 165 26.43 7.87 -4.60
C SER A 165 26.38 6.47 -5.20
N THR A 166 25.39 5.67 -4.86
CA THR A 166 25.40 4.25 -5.24
C THR A 166 25.03 4.09 -6.71
N PRO A 167 25.84 3.38 -7.49
CA PRO A 167 25.50 3.17 -8.90
C PRO A 167 24.42 2.13 -9.11
N MET A 168 24.23 1.70 -10.37
CA MET A 168 23.12 0.81 -10.69
C MET A 168 23.38 -0.62 -10.25
N MET A 169 24.59 -1.14 -10.49
CA MET A 169 24.86 -2.56 -10.24
C MET A 169 25.38 -2.82 -8.84
N GLU A 170 25.55 -1.79 -8.02
CA GLU A 170 25.74 -1.95 -6.60
C GLU A 170 24.51 -1.59 -5.79
N ALA A 171 23.53 -0.93 -6.41
CA ALA A 171 22.24 -0.72 -5.75
C ALA A 171 21.51 -2.04 -5.55
N PHE A 172 21.75 -3.02 -6.43
CA PHE A 172 21.17 -4.35 -6.28
C PHE A 172 22.02 -5.26 -5.41
N LYS A 173 23.31 -4.98 -5.28
CA LYS A 173 24.13 -5.70 -4.32
C LYS A 173 23.58 -5.55 -2.91
N GLU A 174 23.08 -4.35 -2.59
CA GLU A 174 22.43 -4.15 -1.29
C GLU A 174 21.07 -4.84 -1.24
N ALA A 175 20.38 -4.92 -2.37
CA ALA A 175 19.08 -5.60 -2.40
C ALA A 175 19.25 -7.10 -2.19
N ASP A 176 20.32 -7.69 -2.74
CA ASP A 176 20.65 -9.08 -2.43
C ASP A 176 20.86 -9.26 -0.93
N ASN A 177 21.66 -8.38 -0.32
CA ASN A 177 21.91 -8.46 1.11
C ASN A 177 20.63 -8.35 1.92
N VAL A 178 19.66 -7.58 1.46
CA VAL A 178 18.41 -7.42 2.21
C VAL A 178 17.52 -8.64 2.03
N LEU A 179 17.52 -9.25 0.84
CA LEU A 179 16.79 -10.50 0.66
C LEU A 179 17.41 -11.61 1.48
N ARG A 180 18.73 -11.62 1.59
CA ARG A 180 19.42 -12.56 2.47
C ARG A 180 18.92 -12.45 3.91
N GLN A 181 18.87 -11.23 4.44
CA GLN A 181 18.47 -11.02 5.83
C GLN A 181 17.08 -11.56 6.12
N GLY A 182 16.20 -11.56 5.12
CA GLY A 182 14.85 -12.06 5.34
C GLY A 182 14.80 -13.57 5.48
N VAL A 183 15.41 -14.29 4.54
CA VAL A 183 15.42 -15.74 4.58
C VAL A 183 16.30 -16.23 5.74
N GLN A 184 17.56 -15.78 5.77
CA GLN A 184 18.47 -16.15 6.86
C GLN A 184 17.86 -15.85 8.22
N GLY A 185 17.09 -14.77 8.32
CA GLY A 185 16.42 -14.45 9.57
C GLY A 185 15.47 -15.55 10.03
N ILE A 186 14.69 -16.11 9.09
CA ILE A 186 13.76 -17.17 9.44
C ILE A 186 14.40 -18.56 9.35
N SER A 187 15.37 -18.73 8.45
CA SER A 187 15.96 -20.06 8.25
C SER A 187 16.79 -20.48 9.45
N ASP A 188 17.66 -19.59 9.93
CA ASP A 188 18.55 -19.91 11.05
C ASP A 188 17.81 -20.29 12.32
N LEU A 189 16.49 -20.13 12.37
CA LEU A 189 15.73 -20.41 13.58
C LEU A 189 15.31 -21.87 13.70
N ILE A 190 15.10 -22.56 12.58
CA ILE A 190 14.46 -23.88 12.58
C ILE A 190 15.49 -25.00 12.48
N ALA A 191 16.42 -24.90 11.54
CA ALA A 191 17.43 -25.94 11.37
C ALA A 191 18.83 -25.33 11.16
N VAL A 196 19.46 -24.12 20.19
CA VAL A 196 18.41 -23.48 20.98
C VAL A 196 17.27 -23.09 20.02
N ASN A 197 16.79 -24.09 19.29
CA ASN A 197 15.95 -23.88 18.12
C ASN A 197 14.48 -23.70 18.50
N LEU A 198 13.66 -23.51 17.49
CA LEU A 198 12.22 -23.37 17.60
C LEU A 198 11.52 -24.65 17.15
N ASP A 199 10.26 -24.79 17.53
CA ASP A 199 9.40 -25.82 16.99
C ASP A 199 8.95 -25.44 15.58
N PHE A 200 8.91 -26.42 14.69
CA PHE A 200 8.45 -26.16 13.33
C PHE A 200 6.95 -25.90 13.29
N ALA A 201 6.17 -26.73 14.00
CA ALA A 201 4.72 -26.53 14.04
C ALA A 201 4.34 -25.19 14.64
N ASP A 202 5.26 -24.54 15.36
CA ASP A 202 5.03 -23.18 15.83
C ASP A 202 4.92 -22.22 14.65
N VAL A 203 5.92 -22.26 13.74
CA VAL A 203 5.93 -21.39 12.58
C VAL A 203 4.71 -21.63 11.70
N LYS A 204 4.19 -22.87 11.69
CA LYS A 204 2.97 -23.16 10.94
C LYS A 204 1.81 -22.27 11.36
N THR A 205 1.73 -21.96 12.67
CA THR A 205 0.67 -21.09 13.15
C THR A 205 0.91 -19.64 12.74
N ILE A 206 2.17 -19.23 12.62
CA ILE A 206 2.47 -17.85 12.27
C ILE A 206 2.21 -17.60 10.79
N MET A 207 2.55 -18.56 9.93
CA MET A 207 2.63 -18.33 8.49
C MET A 207 1.38 -18.74 7.71
N SER A 208 0.75 -19.85 8.08
CA SER A 208 -0.27 -20.50 7.25
C SER A 208 -1.39 -19.56 6.80
N ASN A 209 -1.41 -19.25 5.51
CA ASN A 209 -2.51 -18.52 4.87
C ASN A 209 -2.80 -17.18 5.57
N GLN A 210 -1.74 -16.43 5.83
CA GLN A 210 -1.89 -15.10 6.44
C GLN A 210 -1.96 -13.98 5.41
N GLY A 211 -1.11 -14.03 4.38
CA GLY A 211 -1.09 -12.99 3.37
C GLY A 211 0.11 -12.06 3.45
N SER A 212 -0.11 -10.79 3.17
CA SER A 212 0.99 -9.83 3.04
C SER A 212 1.78 -9.72 4.34
N ALA A 213 3.10 -9.66 4.20
CA ALA A 213 4.02 -9.60 5.33
C ALA A 213 4.96 -8.41 5.18
N LEU A 214 5.67 -8.11 6.27
CA LEU A 214 6.60 -6.99 6.33
C LEU A 214 7.84 -7.39 7.10
N MET A 215 8.98 -6.80 6.72
CA MET A 215 10.27 -7.12 7.31
C MET A 215 10.94 -5.86 7.85
N GLY A 216 11.59 -5.99 9.00
CA GLY A 216 12.36 -4.90 9.57
C GLY A 216 13.72 -5.37 10.05
N ILE A 217 14.72 -4.51 9.86
CA ILE A 217 16.11 -4.84 10.17
C ILE A 217 16.68 -3.77 11.09
N GLY A 218 17.32 -4.20 12.17
CA GLY A 218 18.02 -3.30 13.08
C GLY A 218 19.40 -3.77 13.45
N VAL A 219 20.39 -2.87 13.37
CA VAL A 219 21.77 -3.17 13.74
C VAL A 219 22.24 -2.11 14.73
N SER A 220 22.80 -2.56 15.86
CA SER A 220 23.31 -1.66 16.89
C SER A 220 24.68 -2.15 17.36
N SER A 221 25.56 -1.20 17.66
CA SER A 221 26.95 -1.52 17.96
C SER A 221 27.29 -1.45 19.45
N GLY A 222 27.27 -0.24 20.01
CA GLY A 222 27.96 0.03 21.26
C GLY A 222 27.32 -0.40 22.56
N GLU A 223 27.35 0.50 23.54
CA GLU A 223 27.02 0.18 24.93
C GLU A 223 25.65 -0.47 25.06
N ASN A 224 24.60 0.26 24.69
CA ASN A 224 23.22 -0.18 24.89
C ASN A 224 22.65 -0.84 23.65
N ARG A 225 23.40 -1.81 23.10
CA ARG A 225 23.06 -2.41 21.83
C ARG A 225 21.66 -3.05 21.85
N ALA A 226 21.35 -3.79 22.91
CA ALA A 226 20.12 -4.58 22.95
C ALA A 226 18.86 -3.75 22.75
N VAL A 227 18.91 -2.44 22.97
CA VAL A 227 17.74 -1.58 22.84
C VAL A 227 17.77 -0.78 21.54
N GLU A 228 18.91 -0.14 21.24
CA GLU A 228 19.02 0.64 20.01
C GLU A 228 18.76 -0.22 18.78
N ALA A 229 19.11 -1.50 18.83
CA ALA A 229 18.81 -2.44 17.75
C ALA A 229 17.31 -2.56 17.54
N ALA A 230 16.60 -3.09 18.54
CA ALA A 230 15.15 -3.26 18.45
C ALA A 230 14.45 -1.96 18.01
N LYS A 231 14.85 -0.83 18.58
CA LYS A 231 14.23 0.44 18.22
C LYS A 231 14.39 0.73 16.72
N LYS A 232 15.62 0.67 16.22
CA LYS A 232 15.84 0.87 14.79
C LYS A 232 15.16 -0.19 13.95
N ALA A 233 14.91 -1.37 14.51
CA ALA A 233 14.18 -2.42 13.77
C ALA A 233 12.69 -2.13 13.73
N ILE A 234 12.11 -1.68 14.84
CA ILE A 234 10.69 -1.35 14.87
C ILE A 234 10.39 -0.16 13.96
N SER A 235 11.36 0.71 13.76
CA SER A 235 11.21 1.89 12.90
C SER A 235 12.12 1.79 11.68
N SER A 236 12.23 0.59 11.12
CA SER A 236 13.02 0.40 9.91
C SER A 236 12.28 0.96 8.70
N PRO A 237 12.98 1.56 7.74
CA PRO A 237 12.30 2.06 6.54
C PRO A 237 11.73 0.95 5.67
N LEU A 238 12.27 -0.27 5.75
CA LEU A 238 11.75 -1.38 4.96
C LEU A 238 10.35 -1.79 5.36
N LEU A 239 9.85 -1.30 6.49
CA LEU A 239 8.46 -1.50 6.88
C LEU A 239 7.60 -0.41 6.26
N GLU A 240 6.59 -0.81 5.50
CA GLU A 240 5.61 0.13 4.97
C GLU A 240 4.88 0.81 6.14
N THR A 241 4.03 0.06 6.83
CA THR A 241 3.38 0.54 8.04
C THR A 241 4.32 0.30 9.23
N SER A 242 3.81 0.50 10.44
CA SER A 242 4.46 0.05 11.65
C SER A 242 3.83 -1.25 12.12
N ILE A 243 4.60 -2.01 12.90
CA ILE A 243 4.34 -3.43 13.15
C ILE A 243 3.08 -3.71 13.96
N VAL A 244 2.32 -2.66 14.32
CA VAL A 244 1.20 -2.86 15.23
C VAL A 244 0.03 -3.61 14.58
N GLY A 245 -0.09 -3.56 13.25
CA GLY A 245 -1.25 -4.14 12.60
C GLY A 245 -1.33 -5.66 12.67
N ALA A 246 -0.19 -6.33 12.83
CA ALA A 246 -0.11 -7.76 12.59
C ALA A 246 -0.85 -8.55 13.67
N GLN A 247 -1.33 -9.74 13.28
CA GLN A 247 -1.85 -10.73 14.21
C GLN A 247 -0.82 -11.79 14.55
N GLY A 248 0.45 -11.53 14.27
CA GLY A 248 1.52 -12.48 14.52
C GLY A 248 2.88 -11.92 14.17
N VAL A 249 3.83 -12.03 15.10
CA VAL A 249 5.16 -11.45 14.93
C VAL A 249 6.20 -12.53 15.16
N LEU A 250 7.31 -12.43 14.43
CA LEU A 250 8.44 -13.33 14.57
C LEU A 250 9.72 -12.49 14.69
N MET A 251 10.61 -12.91 15.59
CA MET A 251 11.78 -12.11 15.95
C MET A 251 13.02 -12.98 15.92
N ASN A 252 14.09 -12.45 15.34
CA ASN A 252 15.38 -13.13 15.27
C ASN A 252 16.46 -12.21 15.83
N ILE A 253 17.09 -12.62 16.92
CA ILE A 253 18.21 -11.89 17.52
C ILE A 253 19.48 -12.65 17.22
N THR A 254 20.37 -12.03 16.45
CA THR A 254 21.66 -12.62 16.08
C THR A 254 22.78 -11.82 16.70
N GLY A 255 23.66 -12.50 17.45
CA GLY A 255 24.77 -11.84 18.09
C GLY A 255 25.96 -12.78 18.22
N GLY A 256 27.10 -12.19 18.59
CA GLY A 256 28.33 -12.94 18.73
C GLY A 256 28.41 -13.81 19.96
N GLU A 257 29.63 -14.06 20.43
CA GLU A 257 29.81 -14.82 21.66
C GLU A 257 29.35 -14.03 22.88
N SER A 258 29.46 -12.71 22.84
CA SER A 258 29.15 -11.84 23.98
C SER A 258 27.67 -11.81 24.34
N LEU A 259 26.79 -12.32 23.48
CA LEU A 259 25.36 -12.11 23.67
C LEU A 259 24.87 -12.75 24.96
N SER A 260 24.20 -11.94 25.78
CA SER A 260 23.67 -12.34 27.08
C SER A 260 22.20 -12.73 26.96
N LEU A 261 21.81 -13.81 27.68
CA LEU A 261 20.41 -14.20 27.76
C LEU A 261 19.52 -13.08 28.26
N PHE A 262 20.08 -12.11 28.99
CA PHE A 262 19.33 -10.93 29.39
C PHE A 262 18.99 -10.06 28.19
N GLU A 263 20.00 -9.74 27.37
CA GLU A 263 19.82 -8.87 26.20
C GLU A 263 18.67 -9.32 25.32
N ALA A 264 18.47 -10.63 25.18
CA ALA A 264 17.41 -11.14 24.32
C ALA A 264 16.03 -10.77 24.86
N GLN A 265 15.78 -11.10 26.13
CA GLN A 265 14.51 -10.74 26.76
C GLN A 265 14.29 -9.22 26.74
N GLU A 266 15.38 -8.45 26.88
CA GLU A 266 15.28 -7.00 26.79
C GLU A 266 14.73 -6.56 25.45
N ALA A 267 15.43 -6.91 24.36
CA ALA A 267 14.99 -6.52 23.02
C ALA A 267 13.60 -7.07 22.70
N ALA A 268 13.30 -8.29 23.15
CA ALA A 268 12.02 -8.90 22.84
C ALA A 268 10.84 -8.12 23.43
N ASP A 269 11.06 -7.43 24.55
CA ASP A 269 9.97 -6.71 25.20
C ASP A 269 9.72 -5.35 24.57
N ILE A 270 10.77 -4.69 24.06
CA ILE A 270 10.57 -3.46 23.32
C ILE A 270 9.73 -3.71 22.07
N VAL A 271 9.88 -4.89 21.47
CA VAL A 271 9.06 -5.26 20.32
C VAL A 271 7.65 -5.64 20.77
N GLN A 272 7.55 -6.46 21.82
CA GLN A 272 6.25 -6.88 22.33
C GLN A 272 5.40 -5.68 22.74
N ASP A 273 6.05 -4.64 23.28
CA ASP A 273 5.33 -3.40 23.61
C ASP A 273 4.75 -2.75 22.36
N ALA A 274 5.57 -2.62 21.31
CA ALA A 274 5.14 -1.93 20.10
C ALA A 274 4.13 -2.71 19.28
N ALA A 275 3.96 -4.00 19.54
CA ALA A 275 2.99 -4.81 18.82
C ALA A 275 1.62 -4.74 19.49
N ASP A 276 0.61 -5.26 18.79
CA ASP A 276 -0.72 -5.32 19.35
C ASP A 276 -0.72 -6.17 20.62
N GLU A 277 -1.67 -5.88 21.53
CA GLU A 277 -1.60 -6.43 22.87
C GLU A 277 -1.83 -7.94 22.90
N ASP A 278 -2.62 -8.47 21.96
CA ASP A 278 -2.88 -9.90 21.94
C ASP A 278 -2.34 -10.54 20.67
N VAL A 279 -1.02 -10.50 20.48
CA VAL A 279 -0.38 -10.98 19.25
C VAL A 279 0.29 -12.31 19.51
N ASN A 280 0.33 -13.15 18.46
CA ASN A 280 1.14 -14.36 18.47
C ASN A 280 2.61 -13.97 18.28
N MET A 281 3.46 -14.36 19.23
CA MET A 281 4.86 -13.96 19.19
C MET A 281 5.76 -15.08 19.69
N ILE A 282 6.86 -15.29 18.98
CA ILE A 282 7.97 -16.14 19.41
C ILE A 282 9.27 -15.53 18.88
N PHE A 283 10.40 -16.07 19.33
CA PHE A 283 11.70 -15.46 19.09
C PHE A 283 12.78 -16.47 19.45
N GLY A 284 13.98 -16.25 18.88
CA GLY A 284 15.09 -17.15 19.11
C GLY A 284 16.41 -16.42 19.12
N THR A 285 17.42 -17.10 19.68
CA THR A 285 18.77 -16.57 19.81
C THR A 285 19.70 -17.31 18.87
N VAL A 286 20.38 -16.57 18.00
CA VAL A 286 21.38 -17.11 17.09
C VAL A 286 22.76 -16.69 17.56
N ILE A 287 23.61 -17.67 17.87
CA ILE A 287 25.01 -17.43 18.22
C ILE A 287 25.84 -17.58 16.95
N ASN A 288 26.43 -16.47 16.50
CA ASN A 288 27.20 -16.43 15.25
C ASN A 288 28.62 -16.00 15.59
N PRO A 289 29.53 -16.95 15.83
CA PRO A 289 30.87 -16.60 16.33
C PRO A 289 31.62 -15.55 15.52
N GLU A 290 31.37 -15.45 14.20
CA GLU A 290 32.12 -14.48 13.40
C GLU A 290 31.70 -13.05 13.69
N LEU A 291 30.57 -12.84 14.36
CA LEU A 291 30.19 -11.50 14.78
C LEU A 291 31.07 -11.04 15.94
N GLN A 292 31.54 -9.79 15.86
CA GLN A 292 32.41 -9.24 16.89
C GLN A 292 31.61 -8.85 18.13
N ASP A 293 31.19 -7.59 18.20
CA ASP A 293 30.47 -7.07 19.36
C ASP A 293 29.03 -6.67 19.04
N GLU A 294 28.81 -6.10 17.85
CA GLU A 294 27.47 -5.68 17.46
C GLU A 294 26.56 -6.87 17.22
N ILE A 295 25.25 -6.62 17.30
CA ILE A 295 24.22 -7.63 17.09
C ILE A 295 23.21 -7.11 16.07
N VAL A 296 22.29 -7.99 15.68
CA VAL A 296 21.27 -7.69 14.67
C VAL A 296 19.94 -8.28 15.10
N VAL A 297 18.87 -7.52 14.94
CA VAL A 297 17.52 -7.95 15.24
C VAL A 297 16.69 -7.93 13.96
N THR A 298 15.87 -8.96 13.76
CA THR A 298 15.07 -9.12 12.55
C THR A 298 13.63 -9.40 12.95
N VAL A 299 12.69 -8.68 12.32
CA VAL A 299 11.28 -8.72 12.69
C VAL A 299 10.44 -9.06 11.47
N ILE A 300 9.42 -9.90 11.66
CA ILE A 300 8.49 -10.30 10.61
C ILE A 300 7.08 -10.05 11.12
N ALA A 301 6.24 -9.45 10.27
CA ALA A 301 4.85 -9.14 10.60
C ALA A 301 3.93 -9.86 9.63
N THR A 302 2.98 -10.63 10.17
CA THR A 302 2.10 -11.48 9.38
C THR A 302 0.65 -11.09 9.57
N GLY A 303 -0.12 -11.11 8.49
CA GLY A 303 -1.56 -10.94 8.56
C GLY A 303 -2.02 -9.53 8.91
N PHE A 304 -2.34 -8.74 7.90
CA PHE A 304 -2.76 -7.37 8.11
C PHE A 304 -4.26 -7.20 7.86
N THR B 2 -8.79 -1.80 6.88
CA THR B 2 -8.20 -1.62 5.56
C THR B 2 -9.11 -0.81 4.66
N LEU B 3 -8.58 0.28 4.11
CA LEU B 3 -9.33 1.21 3.27
C LEU B 3 -8.80 1.15 1.84
N LYS B 4 -9.70 1.35 0.88
CA LYS B 4 -9.33 1.36 -0.53
C LYS B 4 -9.93 2.56 -1.23
N VAL B 5 -9.15 3.15 -2.13
CA VAL B 5 -9.55 4.36 -2.87
C VAL B 5 -9.70 3.99 -4.34
N ILE B 6 -10.74 4.54 -4.98
CA ILE B 6 -11.04 4.26 -6.38
C ILE B 6 -11.17 5.59 -7.12
N GLY B 7 -10.38 5.75 -8.18
CA GLY B 7 -10.42 6.96 -8.98
C GLY B 7 -11.10 6.75 -10.33
N VAL B 8 -12.36 7.12 -10.44
CA VAL B 8 -13.14 6.91 -11.66
C VAL B 8 -12.96 8.12 -12.57
N GLY B 9 -12.66 7.86 -13.84
CA GLY B 9 -12.51 8.90 -14.83
C GLY B 9 -11.10 9.48 -14.89
N GLY B 10 -10.84 10.20 -15.98
CA GLY B 10 -9.56 10.88 -16.11
C GLY B 10 -9.36 11.98 -15.08
N GLY B 11 -10.45 12.55 -14.58
CA GLY B 11 -10.40 13.52 -13.51
C GLY B 11 -9.93 12.90 -12.21
N GLY B 12 -10.78 12.06 -11.61
CA GLY B 12 -10.41 11.33 -10.40
C GLY B 12 -9.05 10.69 -10.45
N ASN B 13 -8.60 10.27 -11.64
CA ASN B 13 -7.29 9.65 -11.76
C ASN B 13 -6.17 10.66 -11.49
N ASN B 14 -6.32 11.88 -12.02
CA ASN B 14 -5.35 12.93 -11.71
C ASN B 14 -5.28 13.20 -10.22
N ALA B 15 -6.40 13.06 -9.51
CA ALA B 15 -6.39 13.20 -8.05
C ALA B 15 -5.58 12.07 -7.40
N VAL B 16 -5.89 10.82 -7.77
CA VAL B 16 -5.17 9.67 -7.24
C VAL B 16 -3.69 9.75 -7.58
N ASN B 17 -3.35 10.35 -8.72
CA ASN B 17 -1.96 10.59 -9.07
C ASN B 17 -1.30 11.51 -8.04
N ARG B 18 -1.88 12.70 -7.84
CA ARG B 18 -1.35 13.65 -6.86
C ARG B 18 -1.53 13.15 -5.42
N MET B 19 -2.41 12.18 -5.19
CA MET B 19 -2.65 11.70 -3.83
C MET B 19 -1.45 10.94 -3.29
N ILE B 20 -0.78 10.17 -4.14
CA ILE B 20 0.44 9.49 -3.72
C ILE B 20 1.68 10.36 -3.92
N ASP B 21 1.59 11.41 -4.76
CA ASP B 21 2.68 12.38 -4.85
C ASP B 21 2.90 13.07 -3.51
N HIS B 22 1.84 13.28 -2.73
CA HIS B 22 1.96 13.80 -1.37
C HIS B 22 2.33 12.72 -0.37
N GLY B 23 2.27 11.45 -0.75
CA GLY B 23 2.58 10.35 0.15
C GLY B 23 1.47 10.06 1.14
N MET B 24 0.72 8.98 0.91
CA MET B 24 -0.37 8.57 1.78
C MET B 24 -0.18 7.12 2.16
N ASN B 25 -0.43 6.81 3.43
CA ASN B 25 -0.12 5.51 4.00
C ASN B 25 -1.39 4.71 4.28
N ASN B 26 -1.27 3.39 4.15
CA ASN B 26 -2.29 2.44 4.60
C ASN B 26 -3.60 2.58 3.85
N VAL B 27 -3.54 3.00 2.58
CA VAL B 27 -4.69 3.00 1.70
C VAL B 27 -4.27 2.39 0.37
N GLU B 28 -4.94 1.30 -0.02
CA GLU B 28 -4.66 0.68 -1.31
C GLU B 28 -5.37 1.46 -2.41
N PHE B 29 -4.74 1.48 -3.58
CA PHE B 29 -5.13 2.38 -4.65
C PHE B 29 -5.72 1.62 -5.83
N ILE B 30 -6.73 2.22 -6.46
CA ILE B 30 -7.41 1.66 -7.63
C ILE B 30 -7.71 2.79 -8.60
N ALA B 31 -7.26 2.64 -9.84
CA ALA B 31 -7.59 3.57 -10.91
C ALA B 31 -8.53 2.89 -11.91
N ILE B 32 -9.49 3.66 -12.43
CA ILE B 32 -10.43 3.17 -13.43
C ILE B 32 -10.58 4.24 -14.50
N ASN B 33 -10.60 3.81 -15.77
CA ASN B 33 -10.74 4.72 -16.89
C ASN B 33 -11.29 3.95 -18.08
N THR B 34 -11.84 4.69 -19.04
CA THR B 34 -12.17 4.15 -20.34
C THR B 34 -11.10 4.45 -21.39
N ASP B 35 -10.41 5.59 -21.26
CA ASP B 35 -9.24 5.87 -22.07
C ASP B 35 -8.11 4.93 -21.69
N GLY B 36 -7.45 4.36 -22.67
CA GLY B 36 -6.39 3.39 -22.41
C GLY B 36 -5.04 4.03 -22.17
N GLN B 37 -4.78 5.15 -22.81
CA GLN B 37 -3.51 5.85 -22.66
C GLN B 37 -3.51 6.82 -21.49
N ALA B 38 -4.66 7.09 -20.88
CA ALA B 38 -4.73 7.86 -19.65
C ALA B 38 -4.53 6.98 -18.42
N LEU B 39 -5.05 5.75 -18.46
CA LEU B 39 -4.75 4.77 -17.43
C LEU B 39 -3.32 4.25 -17.54
N ASN B 40 -2.69 4.45 -18.70
CA ASN B 40 -1.27 4.13 -18.84
C ASN B 40 -0.41 4.89 -17.85
N LEU B 41 -0.86 6.08 -17.44
CA LEU B 41 -0.04 7.01 -16.67
C LEU B 41 -0.28 6.94 -15.17
N SER B 42 -1.28 6.18 -14.71
CA SER B 42 -1.60 6.15 -13.30
C SER B 42 -0.54 5.37 -12.52
N LYS B 43 -0.21 5.86 -11.33
CA LYS B 43 0.73 5.21 -10.44
C LYS B 43 0.05 4.28 -9.44
N ALA B 44 -1.25 4.02 -9.62
CA ALA B 44 -2.00 3.22 -8.67
C ALA B 44 -1.48 1.78 -8.62
N GLU B 45 -1.46 1.21 -7.41
CA GLU B 45 -1.07 -0.19 -7.23
C GLU B 45 -1.86 -1.11 -8.16
N SER B 46 -3.18 -0.95 -8.19
CA SER B 46 -4.06 -1.79 -9.00
C SER B 46 -4.76 -0.94 -10.05
N LYS B 47 -4.67 -1.35 -11.31
CA LYS B 47 -5.33 -0.68 -12.42
C LYS B 47 -6.43 -1.57 -12.99
N ILE B 48 -7.46 -0.93 -13.53
CA ILE B 48 -8.56 -1.60 -14.21
C ILE B 48 -9.06 -0.71 -15.34
N GLN B 49 -9.23 -1.30 -16.51
CA GLN B 49 -9.91 -0.63 -17.63
C GLN B 49 -11.29 -1.23 -17.80
N ILE B 50 -12.27 -0.38 -18.07
CA ILE B 50 -13.64 -0.81 -18.31
C ILE B 50 -14.02 -0.50 -19.76
N GLY B 51 -15.01 -1.22 -20.25
CA GLY B 51 -15.55 -0.99 -21.57
C GLY B 51 -14.57 -1.14 -22.71
N GLU B 52 -13.79 -2.23 -22.70
CA GLU B 52 -12.93 -2.51 -23.85
C GLU B 52 -13.74 -2.93 -25.06
N LYS B 53 -15.00 -3.36 -24.86
CA LYS B 53 -15.89 -3.65 -25.98
C LYS B 53 -16.56 -2.40 -26.50
N LEU B 54 -16.89 -1.45 -25.60
CA LEU B 54 -17.75 -0.34 -25.96
C LEU B 54 -16.97 0.90 -26.36
N THR B 55 -15.87 1.22 -25.66
CA THR B 55 -15.00 2.30 -26.06
C THR B 55 -13.78 1.82 -26.84
N ARG B 56 -13.29 0.61 -26.55
CA ARG B 56 -12.22 -0.04 -27.28
C ARG B 56 -10.90 0.74 -27.24
N GLY B 57 -10.77 1.69 -26.33
CA GLY B 57 -9.54 2.44 -26.18
C GLY B 57 -9.72 3.94 -26.05
N LEU B 58 -10.77 4.47 -26.68
CA LEU B 58 -11.04 5.90 -26.64
C LEU B 58 -11.70 6.26 -25.31
N GLY B 59 -11.62 7.55 -24.97
CA GLY B 59 -12.40 8.06 -23.86
C GLY B 59 -13.89 7.99 -24.14
N ALA B 60 -14.68 7.85 -23.08
CA ALA B 60 -16.11 7.59 -23.20
C ALA B 60 -16.89 8.75 -23.82
N GLY B 61 -16.19 9.71 -24.42
CA GLY B 61 -16.79 10.78 -25.20
C GLY B 61 -17.91 11.56 -24.54
N ALA B 62 -17.63 12.10 -23.36
CA ALA B 62 -18.53 12.97 -22.60
C ALA B 62 -19.99 12.54 -22.68
N ASN B 63 -20.27 11.24 -22.54
CA ASN B 63 -21.63 10.72 -22.54
C ASN B 63 -21.79 9.85 -21.30
N PRO B 64 -22.76 10.13 -20.44
CA PRO B 64 -22.86 9.35 -19.19
C PRO B 64 -23.15 7.88 -19.40
N GLU B 65 -24.10 7.55 -20.27
CA GLU B 65 -24.49 6.16 -20.47
C GLU B 65 -23.36 5.31 -21.03
N ILE B 66 -22.43 5.92 -21.77
CA ILE B 66 -21.26 5.17 -22.23
C ILE B 66 -20.49 4.63 -21.03
N GLY B 67 -20.38 5.43 -19.97
CA GLY B 67 -19.75 4.94 -18.75
C GLY B 67 -20.62 3.95 -17.99
N LYS B 68 -21.90 4.29 -17.80
CA LYS B 68 -22.81 3.46 -17.01
C LYS B 68 -22.79 2.01 -17.47
N LYS B 69 -22.95 1.77 -18.77
CA LYS B 69 -22.96 0.41 -19.29
C LYS B 69 -21.57 -0.18 -19.45
N ALA B 70 -20.54 0.66 -19.60
CA ALA B 70 -19.17 0.12 -19.67
C ALA B 70 -18.74 -0.47 -18.34
N ALA B 71 -19.23 0.07 -17.23
CA ALA B 71 -18.92 -0.50 -15.93
C ALA B 71 -19.70 -1.79 -15.69
N GLU B 72 -20.97 -1.82 -16.14
CA GLU B 72 -21.75 -3.05 -16.10
C GLU B 72 -21.04 -4.18 -16.84
N GLU B 73 -20.41 -3.85 -17.97
CA GLU B 73 -19.68 -4.85 -18.74
C GLU B 73 -18.52 -5.44 -17.95
N SER B 74 -17.80 -4.60 -17.22
CA SER B 74 -16.63 -5.01 -16.46
C SER B 74 -16.92 -5.28 -15.00
N ARG B 75 -18.19 -5.59 -14.68
CA ARG B 75 -18.60 -5.87 -13.30
C ARG B 75 -17.65 -6.83 -12.58
N GLU B 76 -16.96 -7.70 -13.32
CA GLU B 76 -16.08 -8.68 -12.69
C GLU B 76 -14.89 -8.02 -11.99
N GLN B 77 -14.04 -7.33 -12.75
CA GLN B 77 -12.81 -6.76 -12.17
C GLN B 77 -13.10 -5.71 -11.10
N ILE B 78 -14.29 -5.10 -11.10
CA ILE B 78 -14.65 -4.19 -10.02
C ILE B 78 -14.90 -4.97 -8.74
N GLU B 79 -15.69 -6.04 -8.83
CA GLU B 79 -15.86 -6.95 -7.69
C GLU B 79 -14.53 -7.51 -7.22
N ASP B 80 -13.59 -7.71 -8.13
CA ASP B 80 -12.27 -8.21 -7.76
C ASP B 80 -11.58 -7.29 -6.76
N ALA B 81 -11.36 -6.03 -7.14
CA ALA B 81 -10.55 -5.13 -6.33
C ALA B 81 -11.24 -4.69 -5.04
N ILE B 82 -12.56 -4.87 -4.93
CA ILE B 82 -13.27 -4.37 -3.75
C ILE B 82 -13.10 -5.32 -2.57
N GLN B 83 -13.56 -6.57 -2.73
CA GLN B 83 -13.64 -7.50 -1.60
C GLN B 83 -12.30 -7.60 -0.87
N GLY B 84 -12.38 -7.64 0.46
CA GLY B 84 -11.21 -7.51 1.30
C GLY B 84 -11.05 -6.14 1.92
N ALA B 85 -11.94 -5.19 1.61
CA ALA B 85 -11.88 -3.84 2.13
C ALA B 85 -13.09 -3.57 3.02
N ASP B 86 -12.87 -2.82 4.09
CA ASP B 86 -13.96 -2.40 4.98
C ASP B 86 -14.54 -1.05 4.61
N MET B 87 -13.78 -0.21 3.90
CA MET B 87 -14.23 1.12 3.52
C MET B 87 -13.74 1.43 2.12
N VAL B 88 -14.58 2.12 1.34
CA VAL B 88 -14.32 2.38 -0.08
C VAL B 88 -14.51 3.86 -0.35
N PHE B 89 -13.53 4.47 -1.00
CA PHE B 89 -13.60 5.87 -1.41
C PHE B 89 -13.75 5.96 -2.92
N VAL B 90 -14.77 6.69 -3.38
CA VAL B 90 -15.02 6.85 -4.80
C VAL B 90 -14.77 8.31 -5.19
N THR B 91 -13.50 8.64 -5.46
CA THR B 91 -13.12 10.00 -5.83
C THR B 91 -13.16 10.13 -7.35
N SER B 92 -14.07 10.97 -7.86
CA SER B 92 -14.31 11.05 -9.29
C SER B 92 -14.87 12.43 -9.64
N GLY B 93 -14.30 13.06 -10.66
CA GLY B 93 -14.75 14.36 -11.11
C GLY B 93 -15.99 14.29 -11.98
N MET B 94 -17.12 14.79 -11.48
CA MET B 94 -18.36 14.78 -12.23
C MET B 94 -18.26 15.67 -13.47
N GLY B 95 -18.93 15.24 -14.54
CA GLY B 95 -18.95 16.02 -15.77
C GLY B 95 -18.74 15.19 -17.02
N GLY B 96 -17.69 14.35 -17.01
CA GLY B 96 -17.33 13.59 -18.19
C GLY B 96 -18.16 12.33 -18.34
N GLY B 97 -17.91 11.62 -19.45
CA GLY B 97 -18.63 10.39 -19.71
C GLY B 97 -18.29 9.30 -18.71
N THR B 98 -17.00 9.13 -18.41
CA THR B 98 -16.58 8.05 -17.52
C THR B 98 -17.02 8.30 -16.09
N GLY B 99 -16.62 9.45 -15.52
CA GLY B 99 -16.90 9.71 -14.11
C GLY B 99 -18.39 9.74 -13.78
N THR B 100 -19.15 10.51 -14.56
CA THR B 100 -20.57 10.73 -14.25
C THR B 100 -21.41 9.46 -14.39
N GLY B 101 -20.87 8.41 -15.01
CA GLY B 101 -21.65 7.20 -15.21
C GLY B 101 -21.09 5.97 -14.52
N ALA B 102 -19.76 5.82 -14.53
CA ALA B 102 -19.14 4.64 -13.94
C ALA B 102 -19.05 4.74 -12.42
N ALA B 103 -18.72 5.92 -11.90
CA ALA B 103 -18.60 6.08 -10.46
C ALA B 103 -19.88 5.76 -9.70
N PRO B 104 -21.07 6.19 -10.12
CA PRO B 104 -22.29 5.74 -9.42
C PRO B 104 -22.44 4.23 -9.36
N VAL B 105 -21.84 3.50 -10.32
CA VAL B 105 -21.94 2.04 -10.33
C VAL B 105 -20.91 1.44 -9.38
N VAL B 106 -19.66 1.87 -9.49
CA VAL B 106 -18.61 1.43 -8.56
C VAL B 106 -19.05 1.61 -7.11
N ALA B 107 -19.82 2.68 -6.84
CA ALA B 107 -20.33 2.93 -5.50
C ALA B 107 -21.34 1.86 -5.09
N LYS B 108 -22.46 1.77 -5.83
CA LYS B 108 -23.55 0.87 -5.45
C LYS B 108 -23.10 -0.57 -5.34
N ILE B 109 -22.02 -0.96 -6.02
CA ILE B 109 -21.42 -2.27 -5.79
C ILE B 109 -20.80 -2.32 -4.40
N ALA B 110 -19.93 -1.35 -4.08
CA ALA B 110 -19.29 -1.31 -2.77
C ALA B 110 -20.30 -1.18 -1.64
N LYS B 111 -21.44 -0.54 -1.89
CA LYS B 111 -22.44 -0.37 -0.84
C LYS B 111 -23.11 -1.71 -0.51
N GLU B 112 -23.57 -2.43 -1.52
CA GLU B 112 -24.21 -3.72 -1.30
C GLU B 112 -23.21 -4.85 -1.11
N MET B 113 -21.91 -4.57 -1.18
CA MET B 113 -20.87 -5.53 -0.81
C MET B 113 -20.43 -5.37 0.64
N GLY B 114 -21.23 -4.71 1.47
CA GLY B 114 -20.97 -4.56 2.88
C GLY B 114 -20.08 -3.38 3.26
N ALA B 115 -19.12 -3.03 2.42
CA ALA B 115 -18.14 -2.00 2.76
C ALA B 115 -18.81 -0.64 2.91
N LEU B 116 -18.08 0.27 3.55
CA LEU B 116 -18.52 1.65 3.69
C LEU B 116 -18.17 2.44 2.43
N THR B 117 -19.03 3.40 2.09
CA THR B 117 -19.01 4.04 0.78
C THR B 117 -18.99 5.55 0.95
N VAL B 118 -17.97 6.20 0.39
CA VAL B 118 -17.81 7.65 0.47
C VAL B 118 -17.51 8.19 -0.92
N GLY B 119 -18.31 9.16 -1.36
CA GLY B 119 -18.11 9.81 -2.63
C GLY B 119 -17.52 11.19 -2.46
N VAL B 120 -16.32 11.38 -2.98
CA VAL B 120 -15.60 12.66 -2.88
C VAL B 120 -15.45 13.18 -4.29
N VAL B 121 -16.40 14.01 -4.73
CA VAL B 121 -16.55 14.37 -6.13
C VAL B 121 -16.53 15.89 -6.29
N THR B 122 -15.92 16.35 -7.37
CA THR B 122 -15.91 17.76 -7.73
C THR B 122 -17.01 18.05 -8.75
N ARG B 123 -17.81 19.08 -8.48
CA ARG B 123 -18.65 19.65 -9.51
C ARG B 123 -17.76 20.38 -10.53
N PRO B 124 -18.28 20.63 -11.73
CA PRO B 124 -17.48 21.34 -12.74
C PRO B 124 -17.61 22.85 -12.62
N PHE B 125 -16.71 23.54 -13.30
CA PHE B 125 -16.76 24.99 -13.34
C PHE B 125 -17.96 25.46 -14.16
N SER B 126 -18.43 26.67 -13.86
CA SER B 126 -19.44 27.31 -14.69
C SER B 126 -18.89 27.70 -16.06
N ALA B 127 -17.57 27.70 -16.23
CA ALA B 127 -16.94 28.04 -17.49
C ALA B 127 -16.77 26.84 -18.42
N GLU B 128 -17.50 25.76 -18.18
CA GLU B 128 -17.47 24.57 -19.03
C GLU B 128 -18.84 24.32 -19.65
N GLY B 129 -19.55 25.39 -20.00
CA GLY B 129 -20.86 25.26 -20.63
C GLY B 129 -21.96 24.84 -19.67
N ARG B 130 -23.21 24.98 -20.11
CA ARG B 130 -24.33 24.60 -19.25
C ARG B 130 -24.62 23.11 -19.34
N LYS B 131 -24.47 22.50 -20.52
CA LYS B 131 -24.81 21.09 -20.66
C LYS B 131 -23.86 20.19 -19.86
N ARG B 132 -22.59 20.58 -19.76
CA ARG B 132 -21.66 19.80 -18.94
C ARG B 132 -22.07 19.82 -17.48
N GLN B 133 -22.68 20.92 -17.03
CA GLN B 133 -23.11 21.03 -15.65
C GLN B 133 -24.27 20.07 -15.35
N THR B 134 -25.34 20.16 -16.15
CA THR B 134 -26.55 19.37 -15.86
C THR B 134 -26.26 17.89 -15.80
N GLN B 135 -25.36 17.39 -16.64
CA GLN B 135 -24.88 16.02 -16.55
C GLN B 135 -24.30 15.76 -15.15
N ALA B 136 -23.18 16.42 -14.85
CA ALA B 136 -22.52 16.36 -13.56
C ALA B 136 -23.49 16.51 -12.39
N ALA B 137 -24.46 17.42 -12.50
CA ALA B 137 -25.38 17.66 -11.41
C ALA B 137 -26.35 16.50 -11.25
N ALA B 138 -26.96 16.06 -12.35
CA ALA B 138 -27.82 14.87 -12.32
C ALA B 138 -27.02 13.59 -12.14
N GLY B 139 -25.69 13.64 -12.30
CA GLY B 139 -24.86 12.51 -11.92
C GLY B 139 -24.60 12.45 -10.43
N VAL B 140 -24.54 13.62 -9.78
CA VAL B 140 -24.53 13.66 -8.32
C VAL B 140 -25.79 13.03 -7.77
N GLU B 141 -26.93 13.26 -8.45
CA GLU B 141 -28.18 12.59 -8.09
C GLU B 141 -28.00 11.08 -8.02
N ALA B 142 -27.44 10.48 -9.08
CA ALA B 142 -27.18 9.04 -9.06
C ALA B 142 -26.18 8.68 -7.98
N MET B 143 -25.14 9.50 -7.81
CA MET B 143 -24.19 9.29 -6.72
C MET B 143 -24.88 9.36 -5.36
N LYS B 144 -25.77 10.34 -5.18
CA LYS B 144 -26.35 10.63 -3.87
C LYS B 144 -27.01 9.41 -3.24
N ALA B 145 -27.79 8.66 -4.03
CA ALA B 145 -28.56 7.53 -3.51
C ALA B 145 -27.77 6.22 -3.50
N ALA B 146 -26.54 6.21 -3.99
CA ALA B 146 -25.74 4.99 -4.07
C ALA B 146 -24.71 4.89 -2.95
N VAL B 147 -24.05 5.99 -2.59
CA VAL B 147 -23.02 5.99 -1.56
C VAL B 147 -23.68 6.07 -0.18
N ASP B 148 -22.86 6.22 0.86
CA ASP B 148 -23.37 6.49 2.20
C ASP B 148 -23.38 7.99 2.49
N THR B 149 -22.28 8.67 2.18
CA THR B 149 -22.18 10.12 2.28
C THR B 149 -21.44 10.66 1.08
N LEU B 150 -21.95 11.76 0.52
CA LEU B 150 -21.40 12.36 -0.69
C LEU B 150 -20.88 13.75 -0.36
N ILE B 151 -19.60 13.99 -0.65
CA ILE B 151 -18.94 15.25 -0.30
C ILE B 151 -18.82 16.10 -1.56
N VAL B 152 -19.88 16.85 -1.88
CA VAL B 152 -19.88 17.73 -3.04
C VAL B 152 -18.89 18.86 -2.81
N ILE B 153 -17.94 19.02 -3.72
CA ILE B 153 -17.04 20.18 -3.72
C ILE B 153 -17.22 20.92 -5.03
N PRO B 154 -18.09 21.94 -5.08
CA PRO B 154 -18.20 22.75 -6.30
C PRO B 154 -16.89 23.43 -6.63
N ASN B 155 -16.48 23.34 -7.89
CA ASN B 155 -15.21 23.92 -8.32
C ASN B 155 -15.26 25.44 -8.39
N ASP B 156 -16.47 26.03 -8.42
CA ASP B 156 -16.57 27.48 -8.41
C ASP B 156 -16.17 28.07 -7.07
N ARG B 157 -16.37 27.32 -5.98
CA ARG B 157 -15.90 27.77 -4.67
C ARG B 157 -14.38 27.86 -4.61
N LEU B 158 -13.68 27.16 -5.49
CA LEU B 158 -12.23 27.20 -5.50
C LEU B 158 -11.68 28.48 -6.09
N LEU B 159 -12.49 29.23 -6.86
CA LEU B 159 -12.02 30.46 -7.47
C LEU B 159 -11.62 31.50 -6.45
N ASP B 160 -12.15 31.42 -5.23
CA ASP B 160 -11.74 32.34 -4.17
C ASP B 160 -10.39 31.95 -3.60
N ILE B 161 -10.12 30.65 -3.47
CA ILE B 161 -8.84 30.20 -2.93
C ILE B 161 -7.72 30.34 -3.94
N VAL B 162 -8.03 30.27 -5.23
CA VAL B 162 -7.01 30.29 -6.27
C VAL B 162 -6.90 31.70 -6.83
N ASP B 163 -5.83 31.94 -7.60
CA ASP B 163 -5.53 33.26 -8.12
C ASP B 163 -6.47 33.61 -9.28
N LYS B 164 -6.33 34.84 -9.77
CA LYS B 164 -6.92 35.25 -11.02
C LYS B 164 -6.07 34.86 -12.21
N SER B 165 -4.78 34.58 -11.98
CA SER B 165 -3.82 34.30 -13.04
C SER B 165 -3.69 32.83 -13.36
N THR B 166 -4.52 31.96 -12.77
CA THR B 166 -4.31 30.52 -12.87
C THR B 166 -4.75 30.02 -14.25
N PRO B 167 -3.90 29.30 -14.99
CA PRO B 167 -4.30 28.77 -16.29
C PRO B 167 -5.20 27.54 -16.21
N MET B 168 -5.39 26.86 -17.34
CA MET B 168 -6.37 25.78 -17.40
C MET B 168 -5.88 24.51 -16.70
N MET B 169 -4.64 24.10 -16.95
CA MET B 169 -4.16 22.82 -16.48
C MET B 169 -3.51 22.90 -15.09
N GLU B 170 -3.45 24.09 -14.50
CA GLU B 170 -3.12 24.23 -13.10
C GLU B 170 -4.32 24.57 -12.23
N ALA B 171 -5.44 24.96 -12.83
CA ALA B 171 -6.67 25.13 -12.06
C ALA B 171 -7.18 23.80 -11.52
N PHE B 172 -6.88 22.70 -12.21
CA PHE B 172 -7.24 21.37 -11.71
C PHE B 172 -6.18 20.78 -10.81
N LYS B 173 -4.92 21.24 -10.91
CA LYS B 173 -3.91 20.85 -9.94
C LYS B 173 -4.32 21.23 -8.53
N GLU B 174 -4.95 22.39 -8.37
CA GLU B 174 -5.48 22.77 -7.07
C GLU B 174 -6.71 21.95 -6.70
N ALA B 175 -7.51 21.56 -7.69
CA ALA B 175 -8.68 20.73 -7.42
C ALA B 175 -8.28 19.34 -6.96
N ASP B 176 -7.20 18.80 -7.53
CA ASP B 176 -6.64 17.55 -7.03
C ASP B 176 -6.23 17.70 -5.56
N ASN B 177 -5.51 18.76 -5.24
CA ASN B 177 -5.08 19.01 -3.86
C ASN B 177 -6.26 19.08 -2.90
N VAL B 178 -7.40 19.63 -3.35
CA VAL B 178 -8.55 19.76 -2.48
C VAL B 178 -9.26 18.42 -2.30
N LEU B 179 -9.30 17.60 -3.35
CA LEU B 179 -9.83 16.25 -3.22
C LEU B 179 -8.96 15.40 -2.31
N ARG B 180 -7.64 15.61 -2.38
CA ARG B 180 -6.72 14.96 -1.45
C ARG B 180 -7.08 15.28 0.00
N GLN B 181 -7.26 16.57 0.29
CA GLN B 181 -7.54 17.00 1.66
C GLN B 181 -8.80 16.35 2.22
N GLY B 182 -9.76 16.02 1.36
CA GLY B 182 -10.98 15.40 1.85
C GLY B 182 -10.77 13.96 2.26
N VAL B 183 -10.14 13.16 1.40
CA VAL B 183 -9.88 11.76 1.71
C VAL B 183 -8.84 11.64 2.81
N GLN B 184 -7.66 12.25 2.60
CA GLN B 184 -6.60 12.23 3.60
C GLN B 184 -7.09 12.73 4.96
N GLY B 185 -7.99 13.70 4.97
CA GLY B 185 -8.56 14.17 6.22
C GLY B 185 -9.26 13.07 7.00
N ILE B 186 -10.05 12.25 6.31
CA ILE B 186 -10.77 11.16 6.98
C ILE B 186 -9.93 9.89 7.06
N SER B 187 -9.05 9.65 6.08
CA SER B 187 -8.29 8.40 6.05
C SER B 187 -7.26 8.35 7.18
N ASP B 188 -6.48 9.42 7.34
CA ASP B 188 -5.43 9.45 8.36
C ASP B 188 -5.93 9.25 9.77
N LEU B 189 -7.26 9.25 9.99
CA LEU B 189 -7.82 9.12 11.33
C LEU B 189 -7.98 7.67 11.78
N ILE B 190 -8.20 6.75 10.86
CA ILE B 190 -8.63 5.40 11.19
C ILE B 190 -7.45 4.42 11.15
N ALA B 191 -6.66 4.45 10.08
CA ALA B 191 -5.53 3.53 9.96
C ALA B 191 -4.29 4.27 9.45
N VAL B 196 -2.86 7.39 17.96
CA VAL B 196 -3.90 8.02 18.75
C VAL B 196 -5.18 8.04 17.90
N ASN B 197 -5.57 6.86 17.44
CA ASN B 197 -6.56 6.73 16.37
C ASN B 197 -7.98 6.77 16.92
N LEU B 198 -8.94 6.64 16.00
CA LEU B 198 -10.36 6.59 16.31
C LEU B 198 -10.89 5.17 16.18
N ASP B 199 -12.06 4.93 16.75
CA ASP B 199 -12.79 3.71 16.52
C ASP B 199 -13.45 3.74 15.15
N PHE B 200 -13.45 2.59 14.46
CA PHE B 200 -14.09 2.51 13.15
C PHE B 200 -15.61 2.56 13.29
N ALA B 201 -16.17 1.79 14.24
CA ALA B 201 -17.61 1.80 14.43
C ALA B 201 -18.13 3.18 14.85
N ASP B 202 -17.26 4.07 15.31
CA ASP B 202 -17.66 5.45 15.57
C ASP B 202 -18.05 6.14 14.26
N VAL B 203 -17.17 6.07 13.26
CA VAL B 203 -17.43 6.69 11.96
C VAL B 203 -18.69 6.11 11.33
N LYS B 204 -19.00 4.83 11.60
CA LYS B 204 -20.23 4.23 11.09
C LYS B 204 -21.46 5.02 11.52
N THR B 205 -21.45 5.58 12.73
CA THR B 205 -22.57 6.38 13.19
C THR B 205 -22.61 7.73 12.48
N ILE B 206 -21.45 8.26 12.11
CA ILE B 206 -21.39 9.56 11.45
C ILE B 206 -21.86 9.46 9.99
N MET B 207 -21.48 8.38 9.31
CA MET B 207 -21.58 8.31 7.85
C MET B 207 -22.83 7.58 7.35
N SER B 208 -23.24 6.51 8.01
CA SER B 208 -24.23 5.57 7.46
C SER B 208 -25.53 6.24 7.02
N ASN B 209 -25.75 6.29 5.70
CA ASN B 209 -27.00 6.73 5.09
C ASN B 209 -27.41 8.12 5.56
N GLN B 210 -26.46 9.05 5.54
CA GLN B 210 -26.74 10.44 5.91
C GLN B 210 -27.08 11.30 4.70
N GLY B 211 -26.35 11.14 3.60
CA GLY B 211 -26.59 11.94 2.42
C GLY B 211 -25.54 13.01 2.15
N SER B 212 -25.98 14.16 1.66
CA SER B 212 -25.07 15.21 1.20
C SER B 212 -24.17 15.68 2.34
N ALA B 213 -22.89 15.89 2.01
CA ALA B 213 -21.88 16.30 2.97
C ALA B 213 -21.18 17.55 2.48
N LEU B 214 -20.41 18.17 3.38
CA LEU B 214 -19.68 19.39 3.07
C LEU B 214 -18.30 19.34 3.73
N MET B 215 -17.34 20.00 3.09
CA MET B 215 -15.95 20.00 3.52
C MET B 215 -15.45 21.42 3.72
N GLY B 216 -14.67 21.62 4.78
CA GLY B 216 -14.04 22.91 5.03
C GLY B 216 -12.58 22.75 5.40
N ILE B 217 -11.76 23.68 4.93
CA ILE B 217 -10.31 23.63 5.10
C ILE B 217 -9.83 24.94 5.72
N GLY B 218 -9.02 24.82 6.78
CA GLY B 218 -8.40 25.98 7.39
C GLY B 218 -6.92 25.79 7.66
N VAL B 219 -6.10 26.77 7.29
CA VAL B 219 -4.66 26.74 7.53
C VAL B 219 -4.25 28.03 8.23
N SER B 220 -3.52 27.90 9.34
CA SER B 220 -3.05 29.04 10.11
C SER B 220 -1.58 28.85 10.47
N SER B 221 -0.84 29.96 10.49
CA SER B 221 0.61 29.90 10.65
C SER B 221 1.09 30.29 12.05
N GLY B 222 0.94 31.57 12.38
CA GLY B 222 1.69 32.18 13.46
C GLY B 222 1.28 31.92 14.90
N GLU B 223 1.25 33.00 15.68
CA GLU B 223 1.12 32.93 17.14
C GLU B 223 -0.11 32.14 17.57
N ASN B 224 -1.29 32.63 17.21
CA ASN B 224 -2.56 32.06 17.68
C ASN B 224 -3.13 31.08 16.65
N ARG B 225 -2.29 30.14 16.22
CA ARG B 225 -2.65 29.24 15.12
C ARG B 225 -3.91 28.44 15.44
N ALA B 226 -3.99 27.88 16.66
CA ALA B 226 -5.06 26.97 17.01
C ALA B 226 -6.45 27.56 16.82
N VAL B 227 -6.58 28.88 16.78
CA VAL B 227 -7.88 29.54 16.65
C VAL B 227 -8.12 30.04 15.23
N GLU B 228 -7.14 30.74 14.66
CA GLU B 228 -7.28 31.26 13.30
C GLU B 228 -7.53 30.14 12.30
N ALA B 229 -6.98 28.96 12.55
CA ALA B 229 -7.25 27.79 11.71
C ALA B 229 -8.73 27.43 11.73
N ALA B 230 -9.23 27.03 12.91
CA ALA B 230 -10.64 26.69 13.06
C ALA B 230 -11.56 27.76 12.49
N LYS B 231 -11.26 29.03 12.78
CA LYS B 231 -12.10 30.12 12.27
C LYS B 231 -12.17 30.11 10.76
N LYS B 232 -11.00 30.10 10.09
CA LYS B 232 -10.98 30.04 8.63
C LYS B 232 -11.58 28.75 8.09
N ALA B 233 -11.58 27.68 8.89
CA ALA B 233 -12.19 26.43 8.46
C ALA B 233 -13.71 26.49 8.55
N ILE B 234 -14.23 27.07 9.64
CA ILE B 234 -15.68 27.19 9.80
C ILE B 234 -16.26 28.12 8.75
N SER B 235 -15.47 29.07 8.26
CA SER B 235 -15.88 30.01 7.23
C SER B 235 -15.12 29.80 5.93
N SER B 236 -14.86 28.54 5.59
CA SER B 236 -14.20 28.22 4.33
C SER B 236 -15.16 28.42 3.16
N PRO B 237 -14.67 28.90 2.02
CA PRO B 237 -15.56 29.03 0.85
C PRO B 237 -16.04 27.70 0.30
N LEU B 238 -15.31 26.61 0.54
CA LEU B 238 -15.70 25.30 0.05
C LEU B 238 -16.98 24.79 0.71
N LEU B 239 -17.44 25.43 1.77
CA LEU B 239 -18.73 25.13 2.37
C LEU B 239 -19.81 25.94 1.68
N GLU B 240 -20.82 25.25 1.14
CA GLU B 240 -21.99 25.92 0.59
C GLU B 240 -22.69 26.71 1.68
N THR B 241 -23.35 26.01 2.60
CA THR B 241 -23.96 26.61 3.77
C THR B 241 -22.89 26.76 4.86
N SER B 242 -23.29 27.12 6.06
CA SER B 242 -22.44 27.02 7.23
C SER B 242 -22.78 25.76 8.02
N ILE B 243 -21.81 25.29 8.80
CA ILE B 243 -21.79 23.93 9.33
C ILE B 243 -22.89 23.67 10.35
N VAL B 244 -23.75 24.65 10.62
CA VAL B 244 -24.71 24.52 11.71
C VAL B 244 -25.81 23.50 11.38
N GLY B 245 -26.10 23.27 10.10
CA GLY B 245 -27.21 22.41 9.72
C GLY B 245 -27.03 20.95 10.07
N ALA B 246 -25.79 20.49 10.19
CA ALA B 246 -25.52 19.05 10.21
C ALA B 246 -26.00 18.41 11.52
N GLN B 247 -26.32 17.11 11.43
CA GLN B 247 -26.57 16.27 12.58
C GLN B 247 -25.35 15.45 12.96
N GLY B 248 -24.17 15.83 12.47
CA GLY B 248 -22.95 15.10 12.74
C GLY B 248 -21.74 15.77 12.12
N VAL B 249 -20.69 15.97 12.91
CA VAL B 249 -19.50 16.69 12.47
C VAL B 249 -18.28 15.82 12.74
N LEU B 250 -17.29 15.92 11.86
CA LEU B 250 -16.01 15.24 12.00
C LEU B 250 -14.88 16.24 11.79
N MET B 251 -13.83 16.13 12.61
CA MET B 251 -12.77 17.13 12.65
C MET B 251 -11.41 16.44 12.62
N ASN B 252 -10.51 16.99 11.79
CA ASN B 252 -9.15 16.48 11.66
C ASN B 252 -8.18 17.63 11.90
N ILE B 253 -7.37 17.52 12.95
CA ILE B 253 -6.33 18.50 13.25
C ILE B 253 -4.98 17.86 12.92
N THR B 254 -4.29 18.43 11.95
CA THR B 254 -2.97 17.96 11.52
C THR B 254 -1.93 19.02 11.82
N GLY B 255 -0.89 18.64 12.56
CA GLY B 255 0.18 19.57 12.89
C GLY B 255 1.50 18.84 13.04
N GLY B 256 2.57 19.64 13.12
CA GLY B 256 3.91 19.10 13.22
C GLY B 256 4.26 18.52 14.57
N GLU B 257 5.55 18.52 14.90
CA GLU B 257 5.98 18.08 16.22
C GLU B 257 5.54 19.04 17.31
N SER B 258 5.44 20.33 16.99
CA SER B 258 5.11 21.38 17.96
C SER B 258 3.70 21.27 18.52
N LEU B 259 2.83 20.44 17.92
CA LEU B 259 1.42 20.46 18.26
C LEU B 259 1.19 20.10 19.72
N SER B 260 0.48 20.97 20.42
CA SER B 260 0.15 20.77 21.83
C SER B 260 -1.23 20.15 21.95
N LEU B 261 -1.34 19.16 22.84
CA LEU B 261 -2.64 18.55 23.12
C LEU B 261 -3.66 19.56 23.59
N PHE B 262 -3.21 20.71 24.10
CA PHE B 262 -4.11 21.82 24.43
C PHE B 262 -4.71 22.42 23.16
N GLU B 263 -3.85 22.76 22.19
CA GLU B 263 -4.30 23.40 20.96
C GLU B 263 -5.45 22.65 20.29
N ALA B 264 -5.44 21.31 20.37
CA ALA B 264 -6.50 20.54 19.73
C ALA B 264 -7.85 20.80 20.38
N GLN B 265 -7.93 20.65 21.71
CA GLN B 265 -9.18 20.94 22.41
C GLN B 265 -9.63 22.38 22.19
N GLU B 266 -8.67 23.31 22.08
CA GLU B 266 -9.01 24.69 21.76
C GLU B 266 -9.75 24.79 20.44
N ALA B 267 -9.11 24.34 19.35
CA ALA B 267 -9.73 24.38 18.03
C ALA B 267 -11.04 23.58 18.00
N ALA B 268 -11.07 22.44 18.70
CA ALA B 268 -12.26 21.59 18.68
C ALA B 268 -13.47 22.28 19.28
N ASP B 269 -13.25 23.20 20.22
CA ASP B 269 -14.38 23.88 20.87
C ASP B 269 -14.90 25.05 20.05
N ILE B 270 -14.03 25.73 19.31
CA ILE B 270 -14.52 26.78 18.40
C ILE B 270 -15.43 26.18 17.34
N VAL B 271 -15.17 24.95 16.93
CA VAL B 271 -16.03 24.26 15.97
C VAL B 271 -17.32 23.79 16.66
N GLN B 272 -17.18 23.17 17.83
CA GLN B 272 -18.34 22.66 18.56
C GLN B 272 -19.33 23.78 18.88
N ASP B 273 -18.82 24.99 19.15
CA ASP B 273 -19.70 26.14 19.37
C ASP B 273 -20.50 26.46 18.11
N ALA B 274 -19.83 26.51 16.96
CA ALA B 274 -20.48 26.89 15.71
C ALA B 274 -21.44 25.82 15.19
N ALA B 275 -21.37 24.60 15.70
CA ALA B 275 -22.27 23.53 15.29
C ALA B 275 -23.55 23.56 16.12
N ASP B 276 -24.54 22.80 15.69
CA ASP B 276 -25.78 22.68 16.43
C ASP B 276 -25.49 22.11 17.83
N GLU B 277 -26.36 22.46 18.79
CA GLU B 277 -26.05 22.23 20.19
C GLU B 277 -26.02 20.75 20.54
N ASP B 278 -26.81 19.92 19.86
CA ASP B 278 -26.82 18.49 20.14
C ASP B 278 -26.34 17.69 18.93
N VAL B 279 -25.08 17.87 18.56
CA VAL B 279 -24.52 17.26 17.36
C VAL B 279 -23.60 16.10 17.75
N ASN B 280 -23.56 15.08 16.89
CA ASN B 280 -22.57 14.03 17.01
C ASN B 280 -21.22 14.54 16.52
N MET B 281 -20.21 14.49 17.39
CA MET B 281 -18.90 15.06 17.06
C MET B 281 -17.78 14.21 17.64
N ILE B 282 -16.75 13.98 16.84
CA ILE B 282 -15.48 13.40 17.28
C ILE B 282 -14.36 14.04 16.48
N PHE B 283 -13.12 13.77 16.87
CA PHE B 283 -11.96 14.49 16.35
C PHE B 283 -10.70 13.73 16.73
N GLY B 284 -9.63 13.98 15.99
CA GLY B 284 -8.37 13.30 16.23
C GLY B 284 -7.18 14.18 15.92
N THR B 285 -6.03 13.77 16.44
CA THR B 285 -4.77 14.50 16.28
C THR B 285 -3.86 13.73 15.34
N VAL B 286 -3.41 14.39 14.27
CA VAL B 286 -2.45 13.81 13.34
C VAL B 286 -1.10 14.49 13.56
N ILE B 287 -0.10 13.70 13.92
CA ILE B 287 1.27 14.19 14.04
C ILE B 287 1.99 13.92 12.72
N ASN B 288 2.33 14.99 12.01
CA ASN B 288 2.94 14.90 10.67
C ASN B 288 4.30 15.59 10.74
N PRO B 289 5.37 14.84 11.02
CA PRO B 289 6.68 15.46 11.24
C PRO B 289 7.15 16.41 10.15
N GLU B 290 6.76 16.20 8.89
CA GLU B 290 7.25 17.07 7.82
C GLU B 290 6.65 18.47 7.90
N LEU B 291 5.57 18.65 8.65
CA LEU B 291 5.04 19.98 8.87
C LEU B 291 5.96 20.78 9.79
N GLN B 292 6.21 22.03 9.42
CA GLN B 292 7.09 22.90 10.21
C GLN B 292 6.39 23.40 11.46
N ASP B 293 5.78 24.58 11.36
CA ASP B 293 5.10 25.23 12.49
C ASP B 293 3.61 25.35 12.30
N GLU B 294 3.15 25.62 11.08
CA GLU B 294 1.73 25.77 10.80
C GLU B 294 1.00 24.43 10.93
N ILE B 295 -0.32 24.53 11.14
CA ILE B 295 -1.19 23.37 11.27
C ILE B 295 -2.36 23.53 10.31
N VAL B 296 -3.19 22.48 10.21
CA VAL B 296 -4.33 22.44 9.30
C VAL B 296 -5.50 21.77 10.00
N VAL B 297 -6.68 22.35 9.84
CA VAL B 297 -7.92 21.81 10.40
C VAL B 297 -8.86 21.47 9.25
N THR B 298 -9.53 20.31 9.36
CA THR B 298 -10.43 19.81 8.32
C THR B 298 -11.76 19.42 8.95
N VAL B 299 -12.86 19.86 8.34
CA VAL B 299 -14.20 19.70 8.90
C VAL B 299 -15.10 19.01 7.90
N ILE B 300 -15.93 18.08 8.40
CA ILE B 300 -16.90 17.35 7.59
C ILE B 300 -18.27 17.51 8.23
N ALA B 301 -19.28 17.80 7.42
CA ALA B 301 -20.65 17.98 7.88
C ALA B 301 -21.55 16.95 7.21
N THR B 302 -22.29 16.18 8.01
CA THR B 302 -23.11 15.07 7.52
C THR B 302 -24.58 15.30 7.85
N GLY B 303 -25.45 14.95 6.90
CA GLY B 303 -26.88 14.93 7.14
C GLY B 303 -27.51 16.30 7.27
N PHE B 304 -28.05 16.81 6.17
CA PHE B 304 -28.65 18.14 6.16
C PHE B 304 -30.17 18.04 6.05
PG GTP C . 13.67 -11.16 -17.86
O1G GTP C . 12.95 -11.97 -18.90
O2G GTP C . 15.16 -11.42 -17.93
O3G GTP C . 13.39 -9.70 -18.09
O3B GTP C . 13.12 -11.60 -16.40
PB GTP C . 14.10 -11.70 -15.11
O1B GTP C . 15.26 -12.62 -15.43
O2B GTP C . 13.31 -12.21 -13.93
O3A GTP C . 14.63 -10.21 -14.84
PA GTP C . 15.49 -9.88 -13.52
O1A GTP C . 16.97 -10.03 -13.80
O2A GTP C . 15.06 -10.78 -12.37
O5' GTP C . 15.14 -8.36 -13.17
C5' GTP C . 13.81 -7.99 -12.91
C4' GTP C . 13.73 -7.10 -11.68
O4' GTP C . 14.54 -7.62 -10.65
C3' GTP C . 14.20 -5.68 -11.93
O3' GTP C . 13.10 -4.83 -12.16
C2' GTP C . 14.91 -5.28 -10.65
O2' GTP C . 14.06 -4.50 -9.85
C1' GTP C . 15.20 -6.59 -9.93
N9 GTP C . 16.65 -6.85 -9.96
C8 GTP C . 17.50 -6.56 -10.99
N7 GTP C . 18.75 -6.95 -10.64
C5 GTP C . 18.71 -7.48 -9.40
C6 GTP C . 19.69 -8.03 -8.58
O6 GTP C . 20.86 -8.09 -8.95
N1 GTP C . 19.35 -8.51 -7.34
C2 GTP C . 18.04 -8.44 -6.92
N2 GTP C . 17.71 -8.91 -5.71
N3 GTP C . 17.07 -7.90 -7.73
C4 GTP C . 17.40 -7.43 -8.96
PG GTP D . -14.63 11.26 -20.38
O1G GTP D . -15.36 10.27 -21.26
O2G GTP D . -13.15 10.91 -20.34
O3G GTP D . -14.81 12.65 -20.93
O3B GTP D . -15.22 11.18 -18.89
PB GTP D . -14.32 11.56 -17.61
O1B GTP D . -13.11 10.67 -17.54
O2B GTP D . -15.15 11.45 -16.35
O3A GTP D . -13.86 13.09 -17.84
PA GTP D . -12.91 13.78 -16.74
O1A GTP D . -11.49 13.87 -17.25
O2A GTP D . -12.99 13.03 -15.43
O5' GTP D . -13.51 15.26 -16.54
C5' GTP D . -14.80 15.41 -16.00
C4' GTP D . -14.84 16.58 -15.02
O4' GTP D . -13.81 16.44 -14.06
C3' GTP D . -14.66 17.93 -15.68
O3' GTP D . -15.90 18.54 -15.92
C2' GTP D . -13.88 18.73 -14.64
O2' GTP D . -14.77 19.50 -13.87
C1' GTP D . -13.22 17.69 -13.76
N9 GTP D . -11.78 17.62 -14.07
C8 GTP D . -11.24 17.80 -15.32
N7 GTP D . -9.90 17.66 -15.23
C5 GTP D . -9.58 17.39 -13.95
C6 GTP D . -8.36 17.16 -13.32
O6 GTP D . -7.31 17.19 -13.96
N1 GTP D . -8.34 16.91 -11.96
C2 GTP D . -9.51 16.88 -11.25
N2 GTP D . -9.48 16.63 -9.94
N3 GTP D . -10.72 17.11 -11.88
C4 GTP D . -10.75 17.37 -13.21
#